data_1UD0
#
_entry.id   1UD0
#
_cell.length_a   117.479
_cell.length_b   117.479
_cell.length_c   163.777
_cell.angle_alpha   90.00
_cell.angle_beta   90.00
_cell.angle_gamma   120.00
#
_symmetry.space_group_name_H-M   'P 61 2 2'
#
loop_
_entity.id
_entity.type
_entity.pdbx_description
1 polymer '70 kDa heat-shock-like protein'
2 non-polymer 'SODIUM ION'
3 water water
#
_entity_poly.entity_id   1
_entity_poly.type   'polypeptide(L)'
_entity_poly.pdbx_seq_one_letter_code
;LVPRGSH(MSE)LESYAFN(MSE)KATVEDEKLQGKINDEDKQKILDKCNEIISWLDKNQTAEKEEFEHQQKELEKVCNP
IITKLYQSAGG(MSE)PGG(MSE)PGGFPGGGAPPSGGASSGPTIEEVD
;
_entity_poly.pdbx_strand_id   A,B,C,D
#
loop_
_chem_comp.id
_chem_comp.type
_chem_comp.name
_chem_comp.formula
NA non-polymer 'SODIUM ION' 'Na 1'
#
# COMPACT_ATOMS: atom_id res chain seq x y z
N ARG A 4 11.04 7.38 -6.38
CA ARG A 4 10.44 8.22 -7.46
C ARG A 4 9.71 9.39 -6.82
N GLY A 5 9.17 9.13 -5.63
CA GLY A 5 8.43 10.13 -4.89
C GLY A 5 7.54 9.33 -3.98
N SER A 6 6.56 8.66 -4.57
CA SER A 6 5.66 7.83 -3.80
C SER A 6 6.45 6.61 -3.32
N HIS A 7 7.68 6.47 -3.80
CA HIS A 7 8.51 5.33 -3.42
C HIS A 7 9.36 5.73 -2.23
N MSE A 8 10.14 6.79 -2.39
CA MSE A 8 10.98 7.25 -1.30
C MSE A 8 10.07 7.33 -0.11
O MSE A 8 10.29 6.66 0.89
CB MSE A 8 11.56 8.63 -1.62
CG MSE A 8 12.27 8.71 -2.96
SE MSE A 8 13.18 10.36 -3.29
CE MSE A 8 11.73 11.62 -3.01
N LEU A 9 9.04 8.15 -0.23
CA LEU A 9 8.08 8.30 0.83
C LEU A 9 7.75 6.94 1.42
N GLU A 10 7.07 6.11 0.64
CA GLU A 10 6.70 4.78 1.10
C GLU A 10 7.84 4.03 1.73
N SER A 11 8.94 3.91 0.99
CA SER A 11 10.12 3.21 1.46
C SER A 11 10.48 3.67 2.87
N TYR A 12 10.69 4.98 3.01
CA TYR A 12 11.00 5.59 4.28
C TYR A 12 10.06 5.01 5.33
N ALA A 13 8.76 5.26 5.14
CA ALA A 13 7.72 4.77 6.06
C ALA A 13 7.95 3.33 6.48
N PHE A 14 8.19 2.45 5.52
CA PHE A 14 8.47 1.04 5.79
C PHE A 14 9.66 0.92 6.74
N ASN A 15 10.68 1.76 6.51
CA ASN A 15 11.89 1.70 7.31
C ASN A 15 11.85 2.24 8.73
N MSE A 16 10.97 3.19 9.01
CA MSE A 16 10.88 3.71 10.37
C MSE A 16 10.30 2.56 11.19
O MSE A 16 10.87 2.15 12.19
CB MSE A 16 9.94 4.91 10.41
CG MSE A 16 10.20 5.83 11.55
SE MSE A 16 11.85 6.71 11.24
CE MSE A 16 12.96 5.41 12.07
N LYS A 17 9.18 2.02 10.72
CA LYS A 17 8.53 0.88 11.37
C LYS A 17 9.61 -0.17 11.53
N ALA A 18 10.43 -0.27 10.50
CA ALA A 18 11.53 -1.21 10.46
C ALA A 18 12.44 -0.97 11.66
N THR A 19 12.46 0.27 12.12
CA THR A 19 13.30 0.62 13.24
C THR A 19 12.57 0.38 14.56
N VAL A 20 11.59 1.24 14.85
CA VAL A 20 10.81 1.14 16.07
C VAL A 20 10.46 -0.30 16.47
N GLU A 21 10.54 -1.23 15.52
CA GLU A 21 10.23 -2.62 15.81
C GLU A 21 11.47 -3.45 16.07
N ASP A 22 12.66 -2.91 15.82
CA ASP A 22 13.87 -3.70 16.06
C ASP A 22 14.07 -3.98 17.54
N GLU A 23 14.34 -5.26 17.86
CA GLU A 23 14.57 -5.71 19.23
C GLU A 23 15.64 -4.87 19.94
N LYS A 24 16.40 -4.10 19.16
CA LYS A 24 17.46 -3.26 19.72
C LYS A 24 16.85 -2.28 20.71
N LEU A 25 15.64 -1.80 20.43
CA LEU A 25 15.00 -0.85 21.33
C LEU A 25 13.89 -1.46 22.18
N GLN A 26 14.03 -2.74 22.53
CA GLN A 26 13.03 -3.44 23.35
C GLN A 26 12.50 -2.50 24.43
N GLY A 27 13.42 -1.70 24.99
CA GLY A 27 13.07 -0.76 26.02
C GLY A 27 13.79 0.56 25.87
N LYS A 28 14.68 0.65 24.87
CA LYS A 28 15.45 1.87 24.62
C LYS A 28 14.59 2.99 24.01
N ILE A 29 13.53 2.63 23.27
CA ILE A 29 12.65 3.63 22.68
C ILE A 29 11.36 3.70 23.48
N ASN A 30 10.86 4.91 23.70
CA ASN A 30 9.63 5.06 24.47
C ASN A 30 8.52 4.14 23.94
N ASP A 31 8.08 3.21 24.78
CA ASP A 31 7.02 2.26 24.40
C ASP A 31 5.78 3.02 23.93
N GLU A 32 5.63 4.23 24.43
CA GLU A 32 4.50 5.10 24.09
C GLU A 32 4.72 5.65 22.68
N ASP A 33 5.99 5.86 22.34
CA ASP A 33 6.41 6.38 21.04
C ASP A 33 6.25 5.39 19.90
N LYS A 34 6.60 4.13 20.14
CA LYS A 34 6.49 3.12 19.10
C LYS A 34 5.18 3.38 18.36
N GLN A 35 4.12 3.61 19.15
CA GLN A 35 2.80 3.90 18.61
C GLN A 35 2.90 5.04 17.61
N LYS A 36 3.03 6.25 18.13
CA LYS A 36 3.11 7.45 17.33
C LYS A 36 3.72 7.24 15.93
N ILE A 37 4.77 6.44 15.82
CA ILE A 37 5.35 6.22 14.49
C ILE A 37 4.50 5.20 13.77
N LEU A 38 4.75 3.92 14.04
CA LEU A 38 4.00 2.83 13.43
C LEU A 38 2.71 3.36 12.84
N ASP A 39 1.78 3.72 13.71
CA ASP A 39 0.50 4.25 13.29
C ASP A 39 0.79 5.27 12.19
N LYS A 40 1.28 6.45 12.57
CA LYS A 40 1.55 7.48 11.56
C LYS A 40 2.17 6.98 10.25
N CYS A 41 3.07 6.00 10.33
CA CYS A 41 3.70 5.47 9.13
C CYS A 41 2.64 4.80 8.30
N ASN A 42 1.83 3.97 8.94
CA ASN A 42 0.75 3.27 8.24
C ASN A 42 -0.18 4.30 7.59
N GLU A 43 -0.44 5.37 8.32
CA GLU A 43 -1.28 6.44 7.83
C GLU A 43 -0.83 6.77 6.41
N ILE A 44 0.47 7.04 6.26
CA ILE A 44 1.03 7.34 4.95
C ILE A 44 0.99 6.13 4.05
N ILE A 45 1.31 4.96 4.60
CA ILE A 45 1.27 3.77 3.79
C ILE A 45 -0.09 3.76 3.10
N SER A 46 -1.16 3.62 3.89
CA SER A 46 -2.50 3.62 3.35
C SER A 46 -2.72 4.83 2.42
N TRP A 47 -2.37 6.03 2.89
CA TRP A 47 -2.56 7.21 2.10
C TRP A 47 -1.99 7.14 0.69
N LEU A 48 -1.05 6.24 0.48
CA LEU A 48 -0.49 6.10 -0.85
C LEU A 48 -1.37 5.14 -1.62
N ASP A 49 -1.45 3.93 -1.10
CA ASP A 49 -2.25 2.87 -1.67
C ASP A 49 -3.58 3.42 -2.14
N LYS A 50 -4.16 4.28 -1.30
CA LYS A 50 -5.44 4.91 -1.58
C LYS A 50 -5.33 5.96 -2.67
N ASN A 51 -4.35 6.83 -2.59
CA ASN A 51 -4.15 7.87 -3.61
C ASN A 51 -3.73 7.26 -4.94
N GLN A 52 -2.92 6.22 -4.91
CA GLN A 52 -2.49 5.60 -6.16
C GLN A 52 -3.69 5.00 -6.85
N THR A 53 -4.56 4.39 -6.07
CA THR A 53 -5.74 3.76 -6.63
C THR A 53 -6.71 4.82 -7.13
N ALA A 54 -6.83 5.92 -6.41
CA ALA A 54 -7.74 6.99 -6.83
C ALA A 54 -7.24 7.58 -8.14
N GLU A 55 -5.92 7.61 -8.30
CA GLU A 55 -5.27 8.10 -9.52
C GLU A 55 -5.77 7.33 -10.74
N LYS A 56 -5.59 6.01 -10.71
CA LYS A 56 -6.01 5.13 -11.80
C LYS A 56 -7.37 5.49 -12.37
N GLU A 57 -8.20 6.10 -11.55
CA GLU A 57 -9.53 6.47 -11.98
C GLU A 57 -9.54 7.76 -12.77
N GLU A 58 -8.91 8.79 -12.23
CA GLU A 58 -8.86 10.06 -12.93
C GLU A 58 -8.17 9.79 -14.27
N PHE A 59 -7.39 8.71 -14.33
CA PHE A 59 -6.72 8.34 -15.57
C PHE A 59 -7.79 7.78 -16.46
N GLU A 60 -8.41 6.71 -15.96
CA GLU A 60 -9.46 6.03 -16.69
C GLU A 60 -10.69 6.87 -16.88
N HIS A 61 -10.73 8.06 -16.29
CA HIS A 61 -11.87 8.95 -16.44
C HIS A 61 -11.56 9.96 -17.53
N GLN A 62 -10.28 10.21 -17.77
CA GLN A 62 -9.89 11.15 -18.82
C GLN A 62 -9.75 10.38 -20.13
N GLN A 63 -9.26 9.14 -20.03
CA GLN A 63 -9.07 8.26 -21.17
C GLN A 63 -10.38 8.02 -21.92
N LYS A 64 -11.46 7.94 -21.16
CA LYS A 64 -12.79 7.75 -21.74
C LYS A 64 -13.26 9.06 -22.33
N GLU A 65 -13.37 10.07 -21.46
CA GLU A 65 -13.80 11.39 -21.89
C GLU A 65 -12.88 11.98 -22.95
N LEU A 66 -11.94 11.20 -23.45
CA LEU A 66 -11.05 11.69 -24.50
C LEU A 66 -11.55 11.02 -25.76
N GLU A 67 -11.31 9.71 -25.84
CA GLU A 67 -11.75 8.93 -26.99
C GLU A 67 -13.24 9.19 -27.18
N LYS A 68 -13.93 9.52 -26.08
CA LYS A 68 -15.36 9.82 -26.12
C LYS A 68 -15.60 11.00 -27.06
N VAL A 69 -14.51 11.56 -27.57
CA VAL A 69 -14.56 12.69 -28.50
C VAL A 69 -13.97 12.27 -29.82
N CYS A 70 -13.00 11.37 -29.75
CA CYS A 70 -12.32 10.89 -30.93
C CYS A 70 -13.07 9.81 -31.69
N ASN A 71 -13.42 8.72 -31.01
CA ASN A 71 -14.13 7.59 -31.63
C ASN A 71 -15.33 7.97 -32.51
N PRO A 72 -16.04 9.07 -32.18
CA PRO A 72 -17.18 9.45 -33.02
C PRO A 72 -16.71 10.14 -34.32
N ILE A 73 -15.50 10.67 -34.30
CA ILE A 73 -14.93 11.32 -35.47
C ILE A 73 -14.15 10.26 -36.22
N ILE A 74 -13.58 9.33 -35.48
CA ILE A 74 -12.87 8.25 -36.12
C ILE A 74 -13.98 7.51 -36.86
N THR A 75 -15.01 7.15 -36.10
CA THR A 75 -16.18 6.46 -36.67
C THR A 75 -17.00 7.56 -37.36
N LYS A 76 -16.39 8.15 -38.38
CA LYS A 76 -16.99 9.20 -39.19
C LYS A 76 -16.10 9.19 -40.40
N LEU A 77 -14.84 9.51 -40.15
CA LEU A 77 -13.84 9.53 -41.17
C LEU A 77 -13.69 8.07 -41.62
N TYR A 78 -13.88 7.16 -40.69
CA TYR A 78 -13.78 5.75 -41.00
C TYR A 78 -14.97 5.35 -41.88
N GLN A 79 -16.09 6.08 -41.74
CA GLN A 79 -17.28 5.83 -42.54
C GLN A 79 -17.06 6.54 -43.86
N SER A 80 -16.66 7.80 -43.78
CA SER A 80 -16.38 8.59 -44.98
C SER A 80 -15.25 7.90 -45.76
N ALA A 81 -15.12 8.26 -47.03
CA ALA A 81 -14.08 7.69 -47.89
C ALA A 81 -12.66 8.09 -47.44
N GLY A 82 -11.69 7.20 -47.68
CA GLY A 82 -10.32 7.45 -47.28
C GLY A 82 -9.90 6.53 -46.14
N GLY A 83 -10.20 6.93 -44.91
CA GLY A 83 -9.88 6.15 -43.72
C GLY A 83 -8.44 5.68 -43.58
N MSE A 84 -7.65 6.46 -42.85
CA MSE A 84 -6.24 6.13 -42.61
C MSE A 84 -5.99 5.63 -41.18
O MSE A 84 -5.75 4.44 -40.98
CB MSE A 84 -5.35 7.37 -42.92
CG MSE A 84 -3.93 7.35 -42.33
SE MSE A 84 -2.78 5.84 -42.82
CE MSE A 84 -2.26 5.26 -41.03
N PRO A 85 -6.09 6.52 -40.18
CA PRO A 85 -5.88 6.25 -38.74
C PRO A 85 -5.38 4.86 -38.31
N GLY A 86 -4.07 4.74 -38.08
CA GLY A 86 -3.51 3.47 -37.67
C GLY A 86 -2.12 3.57 -37.06
N GLY A 87 -1.85 4.69 -36.38
CA GLY A 87 -0.56 4.88 -35.74
C GLY A 87 -0.14 3.73 -34.84
N ARG B 4 2.43 2.92 -16.74
CA ARG B 4 1.21 3.27 -16.04
C ARG B 4 0.06 3.51 -17.03
N GLY B 5 -1.17 3.41 -16.53
CA GLY B 5 -2.34 3.65 -17.35
C GLY B 5 -2.33 5.13 -17.70
N SER B 6 -1.46 5.89 -17.03
CA SER B 6 -1.32 7.32 -17.26
C SER B 6 -0.54 7.41 -18.56
N HIS B 7 0.31 6.42 -18.81
CA HIS B 7 1.07 6.40 -20.04
C HIS B 7 0.07 6.33 -21.18
N MSE B 8 -0.65 5.21 -21.25
CA MSE B 8 -1.67 4.97 -22.26
C MSE B 8 -2.44 6.26 -22.55
O MSE B 8 -2.66 6.62 -23.70
CB MSE B 8 -2.66 3.91 -21.79
CG MSE B 8 -2.02 2.82 -20.94
SE MSE B 8 -3.21 1.35 -20.64
CE MSE B 8 -2.24 0.01 -21.66
N LEU B 9 -2.84 6.93 -21.48
CA LEU B 9 -3.57 8.18 -21.62
C LEU B 9 -2.67 9.07 -22.44
N GLU B 10 -1.49 9.35 -21.91
CA GLU B 10 -0.55 10.18 -22.62
C GLU B 10 -0.51 9.66 -24.03
N SER B 11 0.02 8.45 -24.19
CA SER B 11 0.11 7.83 -25.51
C SER B 11 -1.07 8.22 -26.40
N TYR B 12 -2.26 7.80 -26.01
CA TYR B 12 -3.47 8.11 -26.77
C TYR B 12 -3.48 9.59 -27.14
N ALA B 13 -3.51 10.46 -26.14
CA ALA B 13 -3.52 11.90 -26.39
C ALA B 13 -2.44 12.30 -27.39
N PHE B 14 -1.23 11.80 -27.14
CA PHE B 14 -0.04 12.06 -27.97
C PHE B 14 -0.16 11.52 -29.40
N ASN B 15 -0.67 10.30 -29.56
CA ASN B 15 -0.84 9.72 -30.89
C ASN B 15 -2.03 10.38 -31.57
N MSE B 16 -3.20 10.29 -30.94
CA MSE B 16 -4.43 10.86 -31.46
C MSE B 16 -4.26 12.28 -31.92
O MSE B 16 -4.98 12.75 -32.80
CB MSE B 16 -5.52 10.84 -30.38
CG MSE B 16 -6.89 11.25 -30.90
SE MSE B 16 -7.42 10.04 -32.29
CE MSE B 16 -7.04 11.20 -33.77
N LYS B 17 -3.30 12.98 -31.32
CA LYS B 17 -3.03 14.36 -31.65
C LYS B 17 -2.16 14.47 -32.92
N ALA B 18 -1.25 13.52 -33.11
CA ALA B 18 -0.38 13.55 -34.27
C ALA B 18 -0.98 12.74 -35.41
N THR B 19 -1.75 11.73 -35.04
CA THR B 19 -2.40 10.88 -36.02
C THR B 19 -3.58 11.68 -36.61
N VAL B 20 -3.65 12.96 -36.25
CA VAL B 20 -4.71 13.84 -36.74
C VAL B 20 -4.09 15.13 -37.29
N GLU B 21 -2.77 15.20 -37.18
CA GLU B 21 -1.99 16.34 -37.68
C GLU B 21 -1.14 15.76 -38.81
N ASP B 22 -1.07 14.43 -38.81
CA ASP B 22 -0.31 13.64 -39.78
C ASP B 22 0.14 14.42 -41.01
N GLU B 23 -0.79 14.65 -41.93
CA GLU B 23 -0.48 15.38 -43.15
C GLU B 23 -1.77 15.79 -43.87
N LYS B 24 -1.75 15.77 -45.20
CA LYS B 24 -2.94 16.11 -45.98
C LYS B 24 -3.92 14.93 -45.91
N LEU B 25 -4.09 14.41 -44.70
CA LEU B 25 -5.01 13.31 -44.41
C LEU B 25 -6.36 14.00 -44.25
N GLN B 26 -6.41 15.23 -44.78
CA GLN B 26 -7.57 16.10 -44.75
C GLN B 26 -8.87 15.50 -45.27
N GLY B 27 -8.99 14.17 -45.19
CA GLY B 27 -10.23 13.53 -45.60
C GLY B 27 -11.17 13.86 -44.45
N LYS B 28 -10.54 14.09 -43.30
CA LYS B 28 -11.17 14.47 -42.03
C LYS B 28 -11.98 15.75 -42.25
N ILE B 29 -12.80 16.13 -41.28
CA ILE B 29 -13.54 17.38 -41.40
C ILE B 29 -12.44 18.40 -41.14
N ASN B 30 -11.22 17.94 -41.45
CA ASN B 30 -9.94 18.64 -41.32
C ASN B 30 -10.06 20.15 -41.19
N ASP B 31 -10.83 20.57 -40.21
CA ASP B 31 -11.02 21.97 -39.96
C ASP B 31 -11.59 22.19 -38.57
N GLU B 32 -12.72 21.57 -38.28
CA GLU B 32 -13.33 21.73 -36.95
C GLU B 32 -13.38 20.40 -36.27
N ASP B 33 -14.13 19.51 -36.88
CA ASP B 33 -14.31 18.17 -36.37
C ASP B 33 -12.95 17.47 -36.31
N LYS B 34 -11.92 18.27 -36.08
CA LYS B 34 -10.54 17.82 -35.96
C LYS B 34 -9.93 18.76 -34.92
N GLN B 35 -10.33 20.03 -35.01
CA GLN B 35 -9.90 21.06 -34.09
C GLN B 35 -10.28 20.55 -32.71
N LYS B 36 -11.53 20.11 -32.57
CA LYS B 36 -12.03 19.59 -31.31
C LYS B 36 -11.30 18.34 -30.82
N ILE B 37 -10.56 17.69 -31.73
CA ILE B 37 -9.81 16.47 -31.39
C ILE B 37 -8.44 16.90 -30.91
N LEU B 38 -8.13 18.16 -31.19
CA LEU B 38 -6.86 18.73 -30.79
C LEU B 38 -7.03 19.29 -29.37
N ASP B 39 -7.99 20.18 -29.20
CA ASP B 39 -8.23 20.79 -27.91
C ASP B 39 -8.32 19.74 -26.80
N LYS B 40 -9.27 18.83 -26.90
CA LYS B 40 -9.43 17.80 -25.88
C LYS B 40 -8.11 17.07 -25.67
N CYS B 41 -7.57 16.50 -26.75
CA CYS B 41 -6.30 15.77 -26.67
C CYS B 41 -5.28 16.50 -25.81
N ASN B 42 -5.02 17.76 -26.12
CA ASN B 42 -4.07 18.54 -25.35
C ASN B 42 -4.62 18.79 -23.97
N GLU B 43 -5.94 18.96 -23.84
CA GLU B 43 -6.53 19.20 -22.53
C GLU B 43 -5.99 18.11 -21.60
N ILE B 44 -5.98 16.89 -22.10
CA ILE B 44 -5.47 15.77 -21.32
C ILE B 44 -3.98 15.94 -21.20
N ILE B 45 -3.30 16.17 -22.32
CA ILE B 45 -1.85 16.35 -22.29
C ILE B 45 -1.45 17.23 -21.10
N SER B 46 -2.13 18.36 -20.94
CA SER B 46 -1.82 19.27 -19.85
C SER B 46 -2.32 18.70 -18.51
N TRP B 47 -3.64 18.67 -18.32
CA TRP B 47 -4.23 18.15 -17.08
C TRP B 47 -3.40 17.01 -16.52
N LEU B 48 -2.85 16.20 -17.41
CA LEU B 48 -1.99 15.10 -17.01
C LEU B 48 -0.87 15.71 -16.21
N ASP B 49 -0.11 16.55 -16.90
CA ASP B 49 1.02 17.26 -16.33
C ASP B 49 0.65 17.92 -14.99
N LYS B 50 -0.30 18.84 -15.02
CA LYS B 50 -0.73 19.53 -13.80
C LYS B 50 -0.97 18.59 -12.63
N ASN B 51 -1.19 17.31 -12.94
CA ASN B 51 -1.43 16.31 -11.89
C ASN B 51 -0.10 15.72 -11.41
N GLN B 52 0.86 15.55 -12.31
CA GLN B 52 2.17 15.00 -11.94
C GLN B 52 2.73 15.91 -10.86
N THR B 53 2.85 17.19 -11.19
CA THR B 53 3.36 18.20 -10.27
C THR B 53 2.37 18.52 -9.18
N ALA B 54 1.24 17.81 -9.19
CA ALA B 54 0.22 18.01 -8.18
C ALA B 54 0.47 16.93 -7.13
N GLU B 55 0.67 15.71 -7.63
CA GLU B 55 0.95 14.55 -6.81
C GLU B 55 2.30 14.79 -6.16
N LYS B 56 3.28 15.14 -6.99
CA LYS B 56 4.63 15.42 -6.52
C LYS B 56 4.53 16.03 -5.12
N GLU B 57 4.00 17.25 -5.07
CA GLU B 57 3.83 18.01 -3.82
C GLU B 57 3.21 17.24 -2.68
N GLU B 58 1.99 16.74 -2.88
CA GLU B 58 1.30 15.97 -1.84
C GLU B 58 2.25 14.94 -1.24
N PHE B 59 3.14 14.40 -2.06
CA PHE B 59 4.10 13.43 -1.58
C PHE B 59 5.09 14.14 -0.67
N GLU B 60 5.76 15.16 -1.19
CA GLU B 60 6.72 15.89 -0.39
C GLU B 60 6.02 16.35 0.87
N HIS B 61 4.72 16.60 0.76
CA HIS B 61 3.93 17.01 1.92
C HIS B 61 3.92 15.89 2.95
N GLN B 62 3.20 14.82 2.63
CA GLN B 62 3.11 13.66 3.52
C GLN B 62 4.49 13.22 3.98
N GLN B 63 5.46 13.25 3.08
CA GLN B 63 6.82 12.86 3.43
C GLN B 63 7.34 13.75 4.55
N LYS B 64 6.91 15.00 4.56
CA LYS B 64 7.30 15.94 5.60
C LYS B 64 6.59 15.58 6.89
N GLU B 65 5.26 15.56 6.81
CA GLU B 65 4.43 15.27 7.97
C GLU B 65 4.88 14.03 8.74
N LEU B 66 5.39 13.01 8.05
CA LEU B 66 5.84 11.79 8.70
C LEU B 66 7.17 12.00 9.45
N GLU B 67 8.01 12.90 8.93
CA GLU B 67 9.27 13.17 9.59
C GLU B 67 8.91 13.94 10.83
N LYS B 68 8.00 14.88 10.69
CA LYS B 68 7.58 15.70 11.83
C LYS B 68 7.15 14.82 13.00
N VAL B 69 6.96 13.54 12.72
CA VAL B 69 6.53 12.61 13.75
C VAL B 69 7.63 11.61 14.05
N CYS B 70 8.73 11.72 13.33
CA CYS B 70 9.84 10.79 13.53
C CYS B 70 11.13 11.48 14.00
N ASN B 71 11.50 12.58 13.36
CA ASN B 71 12.71 13.34 13.72
C ASN B 71 12.88 13.49 15.22
N PRO B 72 11.87 14.05 15.89
CA PRO B 72 11.98 14.23 17.35
C PRO B 72 12.32 12.93 18.08
N ILE B 73 11.75 11.83 17.62
CA ILE B 73 12.00 10.56 18.27
C ILE B 73 13.37 9.96 17.98
N ILE B 74 13.83 10.06 16.72
CA ILE B 74 15.14 9.51 16.36
C ILE B 74 16.21 10.40 16.93
N THR B 75 15.84 11.64 17.25
CA THR B 75 16.80 12.55 17.81
C THR B 75 16.95 12.08 19.24
N LYS B 76 15.81 11.79 19.87
CA LYS B 76 15.79 11.31 21.25
C LYS B 76 16.61 10.03 21.41
N LEU B 77 16.66 9.25 20.34
CA LEU B 77 17.42 8.00 20.35
C LEU B 77 18.91 8.29 20.27
N TYR B 78 19.30 9.15 19.33
CA TYR B 78 20.69 9.55 19.15
C TYR B 78 21.10 10.45 20.31
N GLN B 79 20.83 10.00 21.53
CA GLN B 79 21.15 10.79 22.71
C GLN B 79 21.18 9.91 23.95
N SER B 80 21.57 8.64 23.82
CA SER B 80 21.56 7.81 25.02
C SER B 80 22.46 6.57 25.14
N ALA B 81 23.05 6.10 24.04
CA ALA B 81 23.89 4.89 24.11
C ALA B 81 25.41 5.13 23.87
N GLY B 82 26.02 5.96 24.72
CA GLY B 82 27.44 6.26 24.55
C GLY B 82 28.41 5.54 25.49
N GLY B 83 29.68 5.52 25.11
CA GLY B 83 30.72 4.90 25.91
C GLY B 83 31.75 5.94 26.30
N MSE B 84 31.51 7.17 25.84
CA MSE B 84 32.39 8.31 26.10
C MSE B 84 31.70 9.67 25.94
O MSE B 84 32.17 10.68 26.49
CB MSE B 84 33.61 8.26 25.18
CG MSE B 84 34.61 9.40 25.41
SE MSE B 84 36.05 9.36 24.15
CE MSE B 84 36.95 7.77 24.84
N PRO B 85 30.59 9.74 25.17
CA PRO B 85 29.88 11.01 24.97
C PRO B 85 29.07 11.46 26.17
N LEU C 1 -1.23 -14.62 13.50
CA LEU C 1 -2.54 -14.15 13.95
C LEU C 1 -2.72 -12.64 13.73
N VAL C 2 -2.54 -12.22 12.47
CA VAL C 2 -2.66 -10.81 12.08
C VAL C 2 -4.09 -10.45 11.62
N PRO C 3 -4.69 -11.30 10.77
CA PRO C 3 -6.05 -11.08 10.25
C PRO C 3 -7.10 -11.60 11.23
N ARG C 4 -6.71 -12.57 12.06
CA ARG C 4 -7.61 -13.14 13.07
C ARG C 4 -7.78 -12.01 14.08
N GLY C 5 -6.67 -11.35 14.40
CA GLY C 5 -6.70 -10.24 15.32
C GLY C 5 -7.33 -9.05 14.62
N SER C 6 -7.04 -8.91 13.33
CA SER C 6 -7.61 -7.82 12.56
C SER C 6 -9.12 -8.01 12.49
N HIS C 7 -9.57 -9.25 12.45
CA HIS C 7 -11.00 -9.50 12.36
C HIS C 7 -11.71 -9.64 13.71
N MSE C 8 -11.03 -10.23 14.69
CA MSE C 8 -11.61 -10.39 16.02
C MSE C 8 -11.90 -9.01 16.56
O MSE C 8 -12.94 -8.77 17.16
CB MSE C 8 -10.65 -11.09 16.99
CG MSE C 8 -10.54 -12.57 16.78
SE MSE C 8 -9.83 -13.42 18.32
CE MSE C 8 -7.95 -13.00 18.13
N LEU C 9 -10.96 -8.11 16.33
CA LEU C 9 -11.10 -6.75 16.79
C LEU C 9 -12.18 -6.06 15.98
N GLU C 10 -12.18 -6.27 14.68
CA GLU C 10 -13.14 -5.62 13.80
C GLU C 10 -14.59 -6.05 13.95
N SER C 11 -14.81 -7.32 14.26
CA SER C 11 -16.15 -7.82 14.43
C SER C 11 -16.67 -7.35 15.80
N TYR C 12 -15.78 -7.21 16.77
CA TYR C 12 -16.18 -6.73 18.09
C TYR C 12 -16.66 -5.30 17.88
N ALA C 13 -15.90 -4.54 17.09
CA ALA C 13 -16.26 -3.16 16.80
C ALA C 13 -17.54 -3.21 16.00
N PHE C 14 -17.59 -4.19 15.10
CA PHE C 14 -18.72 -4.44 14.21
C PHE C 14 -20.02 -4.68 14.99
N ASN C 15 -20.05 -5.81 15.69
CA ASN C 15 -21.22 -6.21 16.45
C ASN C 15 -21.56 -5.35 17.65
N MSE C 16 -20.61 -4.51 18.09
CA MSE C 16 -20.82 -3.64 19.24
C MSE C 16 -21.28 -2.25 18.81
O MSE C 16 -21.39 -1.34 19.63
CB MSE C 16 -19.53 -3.54 20.07
CG MSE C 16 -19.63 -2.66 21.30
SE MSE C 16 -20.87 -3.32 22.60
CE MSE C 16 -19.76 -4.63 23.44
N LYS C 17 -21.54 -2.09 17.53
CA LYS C 17 -22.00 -0.83 16.96
C LYS C 17 -23.37 -1.15 16.38
N ALA C 18 -23.58 -2.43 16.09
CA ALA C 18 -24.84 -2.91 15.55
C ALA C 18 -25.86 -3.03 16.68
N THR C 19 -25.47 -3.74 17.74
CA THR C 19 -26.32 -3.92 18.91
C THR C 19 -26.66 -2.56 19.47
N VAL C 20 -25.65 -1.69 19.51
CA VAL C 20 -25.81 -0.33 20.01
C VAL C 20 -26.69 0.47 19.07
N GLU C 21 -27.41 -0.25 18.22
CA GLU C 21 -28.29 0.42 17.27
C GLU C 21 -29.77 0.15 17.59
N ASP C 22 -30.64 0.93 16.98
CA ASP C 22 -32.08 0.79 17.19
C ASP C 22 -32.63 -0.56 16.71
N GLU C 23 -33.09 -1.34 17.69
CA GLU C 23 -33.67 -2.66 17.48
C GLU C 23 -34.70 -2.86 18.60
N LYS C 24 -34.22 -3.19 19.79
CA LYS C 24 -35.08 -3.38 20.96
C LYS C 24 -34.45 -2.58 22.11
N LEU C 25 -33.38 -1.85 21.78
CA LEU C 25 -32.65 -1.01 22.72
C LEU C 25 -32.61 0.42 22.21
N GLN C 26 -33.76 0.92 21.74
CA GLN C 26 -33.83 2.27 21.21
C GLN C 26 -33.83 3.32 22.34
N GLY C 27 -34.97 3.43 23.01
CA GLY C 27 -35.09 4.37 24.12
C GLY C 27 -34.87 3.63 25.43
N LYS C 28 -33.86 2.77 25.45
CA LYS C 28 -33.51 1.96 26.61
C LYS C 28 -32.01 2.01 26.88
N ILE C 29 -31.35 3.02 26.32
CA ILE C 29 -29.92 3.23 26.48
C ILE C 29 -29.60 4.71 26.29
N ASN C 30 -29.23 5.36 27.38
CA ASN C 30 -28.90 6.78 27.41
C ASN C 30 -28.15 7.19 26.14
N ASP C 31 -28.61 8.26 25.48
CA ASP C 31 -28.00 8.74 24.23
C ASP C 31 -26.48 8.89 24.28
N GLU C 32 -25.99 9.81 25.10
CA GLU C 32 -24.55 10.04 25.21
C GLU C 32 -23.81 8.76 25.52
N ASP C 33 -24.54 7.70 25.87
CA ASP C 33 -23.93 6.41 26.15
C ASP C 33 -23.75 5.74 24.79
N LYS C 34 -24.83 5.74 24.00
CA LYS C 34 -24.80 5.14 22.67
C LYS C 34 -23.80 5.91 21.84
N GLN C 35 -24.09 7.19 21.62
CA GLN C 35 -23.23 8.05 20.83
C GLN C 35 -21.78 7.93 21.30
N LYS C 36 -21.58 7.60 22.57
CA LYS C 36 -20.24 7.45 23.12
C LYS C 36 -19.52 6.24 22.50
N ILE C 37 -20.28 5.20 22.19
CA ILE C 37 -19.71 3.99 21.59
C ILE C 37 -19.33 4.23 20.15
N LEU C 38 -20.30 4.66 19.35
CA LEU C 38 -20.07 4.93 17.93
C LEU C 38 -18.65 5.41 17.79
N ASP C 39 -18.45 6.65 18.23
CA ASP C 39 -17.17 7.29 18.17
C ASP C 39 -16.02 6.32 18.39
N LYS C 40 -16.01 5.63 19.53
CA LYS C 40 -14.93 4.67 19.80
C LYS C 40 -14.93 3.54 18.77
N CYS C 41 -16.08 2.90 18.58
CA CYS C 41 -16.17 1.85 17.58
C CYS C 41 -15.58 2.41 16.29
N ASN C 42 -16.27 3.39 15.71
CA ASN C 42 -15.85 4.06 14.49
C ASN C 42 -14.36 4.26 14.48
N GLU C 43 -13.89 5.01 15.47
CA GLU C 43 -12.47 5.28 15.64
C GLU C 43 -11.67 4.05 15.18
N ILE C 44 -11.76 2.99 15.97
CA ILE C 44 -11.05 1.73 15.71
C ILE C 44 -11.09 1.21 14.27
N ILE C 45 -12.26 1.23 13.65
CA ILE C 45 -12.36 0.73 12.27
C ILE C 45 -11.39 1.51 11.42
N SER C 46 -11.54 2.83 11.44
CA SER C 46 -10.67 3.72 10.67
C SER C 46 -9.24 3.26 10.91
N TRP C 47 -8.86 3.28 12.18
CA TRP C 47 -7.55 2.85 12.56
C TRP C 47 -7.28 1.47 11.95
N LEU C 48 -8.11 0.50 12.30
CA LEU C 48 -7.94 -0.85 11.80
C LEU C 48 -7.72 -0.90 10.29
N ASP C 49 -8.57 -0.19 9.55
CA ASP C 49 -8.44 -0.17 8.09
C ASP C 49 -7.02 0.17 7.73
N LYS C 50 -6.64 1.43 7.94
CA LYS C 50 -5.30 1.91 7.64
C LYS C 50 -4.28 0.87 8.08
N ASN C 51 -4.54 0.23 9.22
CA ASN C 51 -3.61 -0.77 9.68
C ASN C 51 -3.48 -1.86 8.63
N GLN C 52 -4.56 -2.60 8.41
CA GLN C 52 -4.59 -3.71 7.44
C GLN C 52 -4.17 -3.33 6.02
N THR C 53 -4.72 -2.21 5.54
CA THR C 53 -4.36 -1.73 4.23
C THR C 53 -2.85 -1.68 4.19
N ALA C 54 -2.28 -0.89 5.09
CA ALA C 54 -0.83 -0.75 5.20
C ALA C 54 -0.14 -2.10 5.37
N GLU C 55 -0.55 -2.81 6.41
CA GLU C 55 0.01 -4.12 6.73
C GLU C 55 0.03 -5.06 5.53
N LYS C 56 -0.90 -4.87 4.58
CA LYS C 56 -0.96 -5.70 3.37
C LYS C 56 0.10 -5.32 2.33
N GLU C 57 0.29 -4.03 2.11
CA GLU C 57 1.30 -3.61 1.16
C GLU C 57 2.59 -4.24 1.65
N GLU C 58 2.84 -4.11 2.95
CA GLU C 58 4.02 -4.67 3.60
C GLU C 58 4.36 -6.10 3.18
N PHE C 59 3.43 -7.05 3.36
CA PHE C 59 3.66 -8.45 2.99
C PHE C 59 4.08 -8.59 1.55
N GLU C 60 3.39 -7.84 0.70
CA GLU C 60 3.66 -7.85 -0.72
C GLU C 60 5.11 -7.42 -0.92
N HIS C 61 5.42 -6.22 -0.45
CA HIS C 61 6.77 -5.70 -0.58
C HIS C 61 7.82 -6.72 -0.19
N GLN C 62 7.65 -7.32 0.97
CA GLN C 62 8.60 -8.31 1.42
C GLN C 62 8.64 -9.45 0.42
N GLN C 63 7.47 -9.98 0.08
CA GLN C 63 7.40 -11.10 -0.84
C GLN C 63 8.21 -10.78 -2.09
N LYS C 64 7.94 -9.63 -2.68
CA LYS C 64 8.68 -9.21 -3.88
C LYS C 64 10.15 -9.26 -3.57
N GLU C 65 10.59 -8.24 -2.85
CA GLU C 65 11.98 -8.04 -2.45
C GLU C 65 12.80 -9.28 -2.14
N LEU C 66 12.17 -10.34 -1.65
CA LEU C 66 12.90 -11.58 -1.37
C LEU C 66 13.02 -12.39 -2.66
N GLU C 67 11.89 -12.69 -3.29
CA GLU C 67 11.97 -13.43 -4.54
C GLU C 67 12.77 -12.57 -5.51
N LYS C 68 12.64 -11.26 -5.34
CA LYS C 68 13.34 -10.30 -6.18
C LYS C 68 14.85 -10.55 -6.15
N VAL C 69 15.36 -11.10 -5.07
CA VAL C 69 16.80 -11.36 -5.00
C VAL C 69 17.07 -12.84 -5.07
N CYS C 70 16.02 -13.63 -5.24
CA CYS C 70 16.20 -15.07 -5.29
C CYS C 70 16.04 -15.70 -6.66
N ASN C 71 15.02 -15.28 -7.40
CA ASN C 71 14.77 -15.83 -8.73
C ASN C 71 16.00 -15.75 -9.65
N PRO C 72 16.59 -14.55 -9.77
CA PRO C 72 17.76 -14.45 -10.65
C PRO C 72 18.85 -15.43 -10.28
N ILE C 73 19.05 -15.65 -8.99
CA ILE C 73 20.07 -16.57 -8.52
C ILE C 73 19.57 -18.00 -8.78
N ILE C 74 18.27 -18.17 -8.65
CA ILE C 74 17.62 -19.47 -8.82
C ILE C 74 17.53 -19.86 -10.31
N THR C 75 17.49 -18.85 -11.18
CA THR C 75 17.42 -19.06 -12.62
C THR C 75 18.79 -19.51 -13.16
N LYS C 76 19.83 -18.80 -12.72
CA LYS C 76 21.20 -19.10 -13.11
C LYS C 76 21.39 -20.57 -12.82
N LEU C 77 20.82 -21.02 -11.71
CA LEU C 77 20.94 -22.41 -11.33
C LEU C 77 20.34 -23.29 -12.41
N TYR C 78 19.13 -22.99 -12.82
CA TYR C 78 18.48 -23.79 -13.85
C TYR C 78 19.15 -23.63 -15.22
N GLN C 79 20.08 -22.69 -15.34
CA GLN C 79 20.75 -22.47 -16.61
C GLN C 79 22.02 -23.32 -16.88
N SER C 80 22.37 -24.24 -15.97
CA SER C 80 23.54 -25.09 -16.18
C SER C 80 23.12 -26.55 -16.43
N ALA C 81 24.03 -27.48 -16.15
CA ALA C 81 23.75 -28.90 -16.35
C ALA C 81 23.01 -29.51 -15.16
N GLY C 82 22.77 -28.67 -14.14
CA GLY C 82 22.08 -29.12 -12.94
C GLY C 82 20.71 -28.49 -12.68
N GLY C 83 20.56 -27.90 -11.50
CA GLY C 83 19.28 -27.28 -11.14
C GLY C 83 18.32 -28.32 -10.56
N MSE C 84 18.76 -28.99 -9.49
CA MSE C 84 17.95 -30.03 -8.86
C MSE C 84 17.36 -29.75 -7.48
O MSE C 84 17.29 -30.67 -6.65
CB MSE C 84 18.71 -31.34 -8.84
CG MSE C 84 18.47 -32.23 -10.05
SE MSE C 84 16.56 -32.50 -10.36
CE MSE C 84 16.18 -33.71 -8.88
N PRO C 85 16.93 -28.50 -7.20
CA PRO C 85 16.35 -28.19 -5.88
C PRO C 85 14.91 -28.74 -5.68
N GLY C 86 14.64 -29.91 -6.27
CA GLY C 86 13.34 -30.54 -6.18
C GLY C 86 12.82 -30.71 -4.76
N GLY C 87 11.67 -30.09 -4.48
CA GLY C 87 11.08 -30.17 -3.16
C GLY C 87 11.95 -29.35 -2.22
N MSE C 88 12.86 -30.05 -1.55
CA MSE C 88 13.81 -29.45 -0.61
C MSE C 88 13.15 -28.40 0.28
O MSE C 88 12.32 -28.74 1.14
CB MSE C 88 14.97 -28.81 -1.39
CG MSE C 88 16.32 -28.80 -0.67
SE MSE C 88 17.77 -28.15 -1.83
CE MSE C 88 18.19 -29.80 -2.78
N ARG D 4 -3.57 -9.62 5.28
CA ARG D 4 -2.63 -10.75 5.29
C ARG D 4 -2.90 -11.74 4.14
N GLY D 5 -2.49 -12.99 4.37
CA GLY D 5 -2.67 -14.07 3.41
C GLY D 5 -1.83 -15.24 3.91
N SER D 6 -2.47 -16.34 4.35
CA SER D 6 -1.82 -17.55 4.85
C SER D 6 -0.30 -17.44 4.70
N HIS D 7 0.46 -17.62 5.79
CA HIS D 7 1.91 -17.45 5.63
C HIS D 7 2.78 -18.50 5.04
N MSE D 8 2.93 -18.27 3.74
CA MSE D 8 3.69 -19.04 2.82
C MSE D 8 5.00 -18.29 2.72
O MSE D 8 6.01 -18.85 2.33
CB MSE D 8 2.94 -19.02 1.49
CG MSE D 8 1.41 -19.18 1.69
SE MSE D 8 0.24 -18.72 0.19
CE MSE D 8 0.48 -16.77 0.11
N LEU D 9 4.96 -17.02 3.10
CA LEU D 9 6.15 -16.17 3.07
C LEU D 9 7.27 -16.75 3.92
N GLU D 10 7.02 -17.00 5.20
CA GLU D 10 8.09 -17.59 5.99
C GLU D 10 8.21 -19.02 5.51
N SER D 11 7.10 -19.61 5.05
CA SER D 11 7.15 -20.96 4.56
C SER D 11 8.21 -20.99 3.46
N TYR D 12 8.46 -19.81 2.55
CA TYR D 12 9.38 -19.65 1.44
C TYR D 12 10.78 -19.44 1.99
N ALA D 13 10.86 -18.31 2.63
CA ALA D 13 12.14 -17.90 3.22
C ALA D 13 12.93 -19.06 3.81
N PHE D 14 12.27 -19.83 4.67
CA PHE D 14 12.92 -20.98 5.29
C PHE D 14 13.41 -21.92 4.22
N ASN D 15 12.50 -22.29 3.34
CA ASN D 15 12.81 -23.20 2.24
C ASN D 15 14.00 -22.72 1.42
N MSE D 16 13.91 -21.53 0.83
CA MSE D 16 14.99 -21.01 0.03
C MSE D 16 16.27 -21.24 0.82
O MSE D 16 17.18 -21.93 0.36
CB MSE D 16 14.82 -19.51 -0.21
CG MSE D 16 15.62 -18.99 -1.39
SE MSE D 16 14.79 -19.46 -3.06
CE MSE D 16 15.52 -21.22 -3.19
N LYS D 17 16.31 -20.68 2.01
CA LYS D 17 17.46 -20.80 2.92
C LYS D 17 17.93 -22.24 3.06
N ALA D 18 16.99 -23.13 3.31
CA ALA D 18 17.33 -24.52 3.46
C ALA D 18 17.94 -25.04 2.19
N THR D 19 17.48 -24.51 1.06
CA THR D 19 17.96 -24.94 -0.25
C THR D 19 19.41 -24.56 -0.48
N VAL D 20 19.76 -23.31 -0.19
CA VAL D 20 21.13 -22.86 -0.35
C VAL D 20 22.03 -23.52 0.69
N GLU D 21 21.43 -24.06 1.75
CA GLU D 21 22.20 -24.71 2.80
C GLU D 21 22.36 -26.19 2.55
N ASP D 22 21.71 -26.70 1.51
CA ASP D 22 21.80 -28.11 1.19
C ASP D 22 23.11 -28.39 0.47
N GLU D 23 23.75 -29.48 0.87
CA GLU D 23 25.01 -29.85 0.27
C GLU D 23 24.87 -29.94 -1.23
N LYS D 24 23.83 -30.62 -1.68
CA LYS D 24 23.51 -30.86 -3.11
C LYS D 24 23.81 -29.73 -4.10
N LEU D 25 24.10 -28.53 -3.57
CA LEU D 25 24.41 -27.38 -4.40
C LEU D 25 25.75 -26.81 -3.95
N GLN D 26 26.55 -27.67 -3.33
CA GLN D 26 27.87 -27.31 -2.80
C GLN D 26 28.55 -26.18 -3.59
N GLY D 27 28.93 -26.47 -4.83
CA GLY D 27 29.59 -25.47 -5.65
C GLY D 27 28.69 -24.94 -6.74
N LYS D 28 27.57 -25.62 -6.96
CA LYS D 28 26.62 -25.21 -7.99
C LYS D 28 25.95 -23.88 -7.63
N ILE D 29 26.69 -23.04 -6.93
CA ILE D 29 26.16 -21.76 -6.51
C ILE D 29 27.29 -20.88 -5.97
N ASN D 30 27.41 -19.67 -6.50
CA ASN D 30 28.44 -18.77 -6.05
C ASN D 30 28.20 -18.51 -4.56
N ASP D 31 29.27 -18.31 -3.79
CA ASP D 31 29.12 -18.04 -2.37
C ASP D 31 28.49 -16.67 -2.17
N GLU D 32 28.98 -15.68 -2.92
CA GLU D 32 28.43 -14.32 -2.80
C GLU D 32 26.93 -14.41 -3.03
N ASP D 33 26.49 -15.45 -3.73
CA ASP D 33 25.07 -15.67 -4.00
C ASP D 33 24.38 -16.17 -2.75
N LYS D 34 24.66 -17.41 -2.36
CA LYS D 34 24.06 -17.98 -1.18
C LYS D 34 23.76 -16.91 -0.14
N GLN D 35 24.82 -16.29 0.38
CA GLN D 35 24.67 -15.28 1.41
C GLN D 35 23.63 -14.26 1.05
N LYS D 36 23.55 -13.86 -0.21
CA LYS D 36 22.54 -12.88 -0.56
C LYS D 36 21.22 -13.45 -0.06
N ILE D 37 20.84 -14.59 -0.63
CA ILE D 37 19.61 -15.27 -0.27
C ILE D 37 19.51 -15.42 1.23
N LEU D 38 20.57 -15.96 1.84
CA LEU D 38 20.62 -16.16 3.30
C LEU D 38 20.24 -14.88 4.02
N ASP D 39 20.92 -13.79 3.69
CA ASP D 39 20.64 -12.54 4.31
C ASP D 39 19.17 -12.22 4.19
N LYS D 40 18.74 -11.96 2.96
CA LYS D 40 17.34 -11.61 2.69
C LYS D 40 16.36 -12.55 3.37
N CYS D 41 16.69 -13.83 3.43
CA CYS D 41 15.80 -14.74 4.10
C CYS D 41 15.78 -14.35 5.57
N ASN D 42 16.93 -14.45 6.21
CA ASN D 42 17.05 -14.09 7.62
C ASN D 42 16.44 -12.71 7.83
N GLU D 43 16.66 -11.79 6.90
CA GLU D 43 16.09 -10.46 7.06
C GLU D 43 14.57 -10.62 7.11
N ILE D 44 14.01 -11.24 6.08
CA ILE D 44 12.57 -11.45 6.04
C ILE D 44 12.10 -12.08 7.35
N ILE D 45 12.43 -13.35 7.57
CA ILE D 45 12.02 -14.05 8.76
C ILE D 45 12.05 -13.21 10.02
N SER D 46 13.19 -12.62 10.34
CA SER D 46 13.26 -11.78 11.55
C SER D 46 12.24 -10.68 11.46
N TRP D 47 11.99 -10.18 10.25
CA TRP D 47 11.00 -9.12 10.07
C TRP D 47 9.62 -9.69 10.32
N LEU D 48 9.33 -10.83 9.68
CA LEU D 48 8.04 -11.46 9.86
C LEU D 48 7.73 -11.33 11.32
N ASP D 49 8.66 -11.81 12.12
CA ASP D 49 8.55 -11.80 13.55
C ASP D 49 8.31 -10.41 14.15
N LYS D 50 9.25 -9.49 13.92
CA LYS D 50 9.10 -8.12 14.46
C LYS D 50 7.67 -7.64 14.25
N ASN D 51 7.21 -7.72 13.01
CA ASN D 51 5.88 -7.29 12.63
C ASN D 51 4.80 -8.06 13.37
N GLN D 52 5.09 -9.32 13.70
CA GLN D 52 4.13 -10.14 14.40
C GLN D 52 3.78 -9.55 15.75
N THR D 53 4.78 -9.38 16.61
CA THR D 53 4.52 -8.80 17.93
C THR D 53 3.82 -7.45 17.77
N ALA D 54 4.48 -6.54 17.06
CA ALA D 54 3.94 -5.21 16.81
C ALA D 54 2.44 -5.22 16.52
N GLU D 55 1.97 -6.11 15.67
CA GLU D 55 0.53 -6.14 15.41
C GLU D 55 -0.18 -6.51 16.70
N LYS D 56 0.14 -7.70 17.24
CA LYS D 56 -0.47 -8.18 18.47
C LYS D 56 -0.60 -7.12 19.55
N GLU D 57 0.52 -6.47 19.89
CA GLU D 57 0.48 -5.41 20.90
C GLU D 57 -0.73 -4.58 20.55
N GLU D 58 -0.58 -3.78 19.50
CA GLU D 58 -1.65 -2.92 19.03
C GLU D 58 -3.05 -3.54 19.15
N PHE D 59 -3.31 -4.62 18.43
CA PHE D 59 -4.61 -5.28 18.52
C PHE D 59 -5.02 -5.39 19.97
N GLU D 60 -4.13 -5.94 20.79
CA GLU D 60 -4.38 -6.10 22.23
C GLU D 60 -4.69 -4.77 22.88
N HIS D 61 -3.81 -3.81 22.70
CA HIS D 61 -4.01 -2.50 23.28
C HIS D 61 -5.33 -1.95 22.80
N GLN D 62 -5.49 -1.82 21.49
CA GLN D 62 -6.71 -1.31 20.91
C GLN D 62 -7.97 -2.04 21.37
N GLN D 63 -7.92 -3.36 21.44
CA GLN D 63 -9.08 -4.13 21.87
C GLN D 63 -9.42 -3.76 23.29
N LYS D 64 -8.42 -3.27 24.02
CA LYS D 64 -8.59 -2.85 25.41
C LYS D 64 -9.42 -1.56 25.39
N GLU D 65 -8.78 -0.46 25.03
CA GLU D 65 -9.43 0.84 24.93
C GLU D 65 -10.87 0.64 24.50
N LEU D 66 -11.06 -0.24 23.52
CA LEU D 66 -12.39 -0.52 22.98
C LEU D 66 -13.29 -1.05 24.08
N GLU D 67 -12.91 -2.18 24.67
CA GLU D 67 -13.70 -2.77 25.75
C GLU D 67 -14.00 -1.70 26.79
N LYS D 68 -12.95 -1.08 27.31
CA LYS D 68 -13.06 -0.02 28.30
C LYS D 68 -14.28 0.84 28.11
N VAL D 69 -14.59 1.19 26.86
CA VAL D 69 -15.73 2.04 26.60
C VAL D 69 -17.12 1.39 26.59
N CYS D 70 -17.24 0.21 26.00
CA CYS D 70 -18.54 -0.45 25.96
C CYS D 70 -18.76 -1.32 27.18
N ASN D 71 -17.69 -2.01 27.60
CA ASN D 71 -17.76 -2.93 28.71
C ASN D 71 -18.68 -2.55 29.87
N PRO D 72 -18.49 -1.36 30.47
CA PRO D 72 -19.40 -1.02 31.57
C PRO D 72 -20.85 -0.85 31.06
N ILE D 73 -21.03 0.07 30.11
CA ILE D 73 -22.35 0.33 29.52
C ILE D 73 -23.14 -0.95 29.26
N ILE D 74 -22.42 -2.00 28.91
CA ILE D 74 -23.05 -3.27 28.65
C ILE D 74 -23.60 -3.83 29.95
N THR D 75 -22.81 -3.70 31.00
CA THR D 75 -23.19 -4.16 32.34
C THR D 75 -24.38 -3.37 32.79
N LYS D 76 -24.33 -2.08 32.47
CA LYS D 76 -25.39 -1.14 32.80
C LYS D 76 -26.73 -1.57 32.16
N LEU D 77 -26.65 -2.29 31.05
CA LEU D 77 -27.85 -2.77 30.36
C LEU D 77 -28.30 -4.08 30.99
N TYR D 78 -27.39 -4.74 31.69
CA TYR D 78 -27.71 -6.00 32.33
C TYR D 78 -28.14 -5.81 33.78
N GLN D 79 -28.15 -4.56 34.23
CA GLN D 79 -28.57 -4.27 35.60
C GLN D 79 -29.90 -3.53 35.55
N SER D 80 -30.16 -2.87 34.43
CA SER D 80 -31.38 -2.09 34.27
C SER D 80 -32.39 -2.75 33.36
N ALA D 81 -33.01 -3.82 33.86
CA ALA D 81 -34.04 -4.56 33.11
C ALA D 81 -35.30 -3.72 32.94
NA NA E . -20.32 22.07 -34.70
NA NA F . 32.85 -18.17 -5.48
NA NA G . -4.00 4.60 22.12
#